data_363D
#
_entry.id   363D
#
_cell.length_a   40.150
_cell.length_b   40.150
_cell.length_c   304.210
_cell.angle_alpha   90.00
_cell.angle_beta   90.00
_cell.angle_gamma   120.00
#
_symmetry.space_group_name_H-M   'H 3 2'
#
loop_
_entity.id
_entity.type
_entity.pdbx_description
1 polymer "5'-D(*(C42)P*(G38)P*(C42)P*(G38)P*(A43)P*(A43)P*(NYM)P*(NYM)P*(C42)P*(G38)P*(C42)P*DG)-3'"
2 non-polymer 'AMMONIUM ION'
3 non-polymer 'CHLORIDE ION'
4 water water
#
_entity_poly.entity_id   1
_entity_poly.type   'polydeoxyribonucleotide'
_entity_poly.pdbx_seq_one_letter_code
;(C42)(G38)(C42)(G38)(A43)(A43)(NYM)(NYM)(C42)(G38)(C42)(DG)
;
_entity_poly.pdbx_strand_id   A,B,C,D,E,F
#
loop_
_chem_comp.id
_chem_comp.type
_chem_comp.name
_chem_comp.formula
A43 DNA linking '3'-AMINO DEOXYADENOSINE 5'-MONOPHOSPHATE' 'C10 H15 N6 O5 P'
C42 DNA linking 3'-AMINO-2'-DEOXY-CYTIDINE-5'-MONOPHOSPHATE 'C9 H15 N4 O6 P'
CL non-polymer 'CHLORIDE ION' 'Cl -1'
DG DNA linking 2'-DEOXYGUANOSINE-5'-MONOPHOSPHATE 'C10 H14 N5 O7 P'
G38 DNA linking 3'-AMINO-2'-DEOXY-GUANOSINE-5'-MONOPHOSPHATE 'C10 H15 N6 O6 P'
NH4 non-polymer 'AMMONIUM ION' 'H4 N 1'
NYM DNA linking '3'-DEOXY-3'-AMINOTHYMIDINE MONOPHOSPHATE' 'C10 H16 N3 O7 P'
#
# COMPACT_ATOMS: atom_id res chain seq x y z
N1 C42 A 1 -2.42 -13.80 7.49
C2 C42 A 1 -3.75 -13.90 7.16
N3 C42 A 1 -4.61 -12.91 7.54
C4 C42 A 1 -4.14 -11.84 8.19
C5 C42 A 1 -2.75 -11.70 8.52
C6 C42 A 1 -1.95 -12.70 8.17
O2 C42 A 1 -4.12 -14.88 6.48
N4 C42 A 1 -5.01 -10.88 8.53
C1' C42 A 1 -1.53 -14.91 7.10
C2' C42 A 1 -1.12 -14.91 5.62
C3' C42 A 1 0.12 -14.04 5.67
C4' C42 A 1 0.77 -14.51 6.97
O4' C42 A 1 -0.33 -14.80 7.84
C5' C42 A 1 1.69 -13.50 7.62
O5' C42 A 1 1.05 -12.23 7.81
N C42 A 1 0.98 -14.28 4.53
HN1 C42 A 1 0.75 -15.20 4.19
PA G38 A 2 0.97 -13.27 3.27
O2A G38 A 2 2.11 -13.70 2.40
O3P G38 A 2 0.92 -11.87 3.76
O5' G38 A 2 -0.41 -13.54 2.53
C5' G38 A 2 -0.62 -14.76 1.80
C4' G38 A 2 -2.00 -14.77 1.19
O4' G38 A 2 -3.02 -14.94 2.20
C3' G38 A 2 -2.45 -13.54 0.40
C2' G38 A 2 -3.95 -13.79 0.36
C1' G38 A 2 -4.19 -14.21 1.81
N9 G38 A 2 -4.34 -13.09 2.73
C8 G38 A 2 -3.37 -12.54 3.54
N7 G38 A 2 -3.82 -11.55 4.25
C5 G38 A 2 -5.15 -11.44 3.90
C6 G38 A 2 -6.16 -10.56 4.37
O6 G38 A 2 -6.09 -9.71 5.26
N1 G38 A 2 -7.37 -10.77 3.72
C2 G38 A 2 -7.58 -11.73 2.75
N2 G38 A 2 -8.79 -11.78 2.23
N3 G38 A 2 -6.68 -12.57 2.33
C4 G38 A 2 -5.48 -12.37 2.95
N G38 A 2 -1.89 -13.54 -0.93
HN1 G38 A 2 -2.45 -14.16 -1.49
N1 C42 A 3 -6.29 -10.13 -0.30
C2 C42 A 3 -7.12 -9.27 0.39
N3 C42 A 3 -6.63 -8.47 1.36
C4 C42 A 3 -5.35 -8.54 1.65
C5 C42 A 3 -4.44 -9.40 0.95
C6 C42 A 3 -4.96 -10.18 -0.01
O2 C42 A 3 -8.33 -9.25 0.08
N4 C42 A 3 -4.92 -7.77 2.64
C1' C42 A 3 -6.87 -10.96 -1.35
C2' C42 A 3 -7.00 -10.18 -2.68
C3' C42 A 3 -5.62 -10.42 -3.24
C4' C42 A 3 -5.47 -11.92 -2.95
O4' C42 A 3 -5.99 -12.06 -1.61
C5' C42 A 3 -4.07 -12.50 -2.95
O5' C42 A 3 -3.22 -11.73 -2.07
P C42 A 3 -1.72 -12.15 -1.77
O1P C42 A 3 -1.08 -12.55 -3.05
O2P C42 A 3 -1.10 -11.08 -0.95
N C42 A 3 -5.56 -10.08 -4.67
HN1 C42 A 3 -6.50 -10.20 -5.03
PA G38 A 4 -5.04 -8.61 -5.14
O2A G38 A 4 -5.03 -8.63 -6.63
O3P G38 A 4 -3.80 -8.24 -4.42
O5' G38 A 4 -6.17 -7.58 -4.67
C5' G38 A 4 -7.40 -7.42 -5.42
C4' G38 A 4 -8.29 -6.40 -4.73
O4' G38 A 4 -8.59 -6.80 -3.37
C3' G38 A 4 -7.72 -5.00 -4.56
C2' G38 A 4 -8.66 -4.44 -3.50
C1' G38 A 4 -8.74 -5.64 -2.55
N9 G38 A 4 -7.69 -5.62 -1.53
C8 G38 A 4 -6.50 -6.31 -1.52
N7 G38 A 4 -5.75 -6.00 -0.50
C5 G38 A 4 -6.49 -5.07 0.21
C6 G38 A 4 -6.19 -4.37 1.42
O6 G38 A 4 -5.16 -4.42 2.09
N1 G38 A 4 -7.24 -3.55 1.80
C2 G38 A 4 -8.42 -3.39 1.10
N2 G38 A 4 -9.30 -2.54 1.59
N3 G38 A 4 -8.70 -4.04 0.01
C4 G38 A 4 -7.70 -4.84 -0.39
N G38 A 4 -7.78 -4.22 -5.79
HN1 G38 A 4 -8.74 -3.95 -5.92
P A43 A 5 -6.87 -2.89 -5.96
O1P A43 A 5 -6.98 -2.46 -7.37
O2P A43 A 5 -5.55 -3.12 -5.38
O5' A43 A 5 -7.55 -1.78 -5.05
C5' A43 A 5 -8.90 -1.37 -5.23
C4' A43 A 5 -9.29 -0.40 -4.15
O4' A43 A 5 -9.23 -1.08 -2.87
C3' A43 A 5 -8.36 0.80 -3.91
C2' A43 A 5 -8.86 1.24 -2.54
C1' A43 A 5 -9.00 -0.11 -1.83
N9 A43 A 5 -7.79 -0.51 -1.12
C8 A43 A 5 -6.84 -1.40 -1.56
N7 A43 A 5 -5.83 -1.56 -0.73
C5 A43 A 5 -6.14 -0.74 0.34
C6 A43 A 5 -5.47 -0.48 1.53
N6 A43 A 5 -4.32 -1.07 1.87
N1 A43 A 5 -6.02 0.41 2.37
C2 A43 A 5 -7.18 0.99 2.03
N3 A43 A 5 -7.92 0.81 0.96
C4 A43 A 5 -7.34 -0.08 0.13
N A43 A 5 -8.51 1.82 -4.93
HN1 A43 A 5 -9.38 2.29 -4.76
P A43 A 6 -7.37 2.94 -5.11
O1P A43 A 6 -7.82 3.86 -6.19
O2P A43 A 6 -6.07 2.24 -5.25
O5' A43 A 6 -7.33 3.72 -3.72
C5' A43 A 6 -8.22 4.82 -3.40
C4' A43 A 6 -7.76 5.48 -2.11
O4' A43 A 6 -7.69 4.49 -1.07
C3' A43 A 6 -6.35 6.06 -2.14
C2' A43 A 6 -6.09 6.18 -0.65
C1' A43 A 6 -6.67 4.84 -0.13
N9 A43 A 6 -5.69 3.77 -0.13
C8 A43 A 6 -5.48 2.80 -1.08
N7 A43 A 6 -4.50 2.00 -0.79
C5 A43 A 6 -4.04 2.43 0.44
C6 A43 A 6 -3.02 1.98 1.31
N6 A43 A 6 -2.23 0.93 1.07
N1 A43 A 6 -2.82 2.65 2.43
C2 A43 A 6 -3.61 3.71 2.69
N3 A43 A 6 -4.59 4.23 1.98
C4 A43 A 6 -4.76 3.54 0.85
N A43 A 6 -6.37 7.34 -2.77
HN1 A43 A 6 -6.63 8.01 -2.05
N1 NYM A 7 -2.01 6.62 0.59
C6 NYM A 7 -2.31 6.18 -0.67
C2 NYM A 7 -1.16 5.93 1.40
O2 NYM A 7 -0.83 6.33 2.50
N3 NYM A 7 -0.68 4.77 0.87
C4 NYM A 7 -0.93 4.25 -0.36
O4 NYM A 7 -0.40 3.19 -0.68
C5 NYM A 7 -1.82 5.04 -1.18
C7 NYM A 7 -2.12 4.58 -2.57
O4' NYM A 7 -3.85 8.07 0.40
N3' NYM A 7 -1.97 10.95 -0.70
C1' NYM A 7 -2.63 7.86 1.11
C2' NYM A 7 -1.77 9.11 0.88
C3' NYM A 7 -2.32 9.59 -0.44
C4' NYM A 7 -3.81 9.39 -0.19
O5' NYM A 7 -4.15 8.57 -2.43
C5' NYM A 7 -4.67 9.44 -1.42
P1 NYM A 7 -5.07 7.92 -3.54
OP2 NYM A 7 -4.26 6.88 -4.25
OP1 NYM A 7 -5.58 9.09 -4.28
H3'2 NYM A 7 -1.71 11.36 0.19
N1 NYM A 8 2.40 8.21 1.02
C6 NYM A 8 1.66 8.23 -0.13
C2 NYM A 8 3.08 7.08 1.41
O2 NYM A 8 3.77 7.05 2.40
N3 NYM A 8 2.94 6.01 0.55
C4 NYM A 8 2.24 5.97 -0.62
O4 NYM A 8 2.24 4.94 -1.30
C5 NYM A 8 1.55 7.20 -0.97
C7 NYM A 8 0.76 7.27 -2.24
O4' NYM A 8 1.34 10.22 1.56
N3' NYM A 8 4.00 12.43 0.39
C1' NYM A 8 2.48 9.40 1.87
C2' NYM A 8 3.73 10.29 1.62
C3' NYM A 8 3.20 11.23 0.55
C4' NYM A 8 1.82 11.52 1.13
O5' NYM A 8 0.56 11.22 -0.91
C5' NYM A 8 0.78 12.10 0.19
P1 NYM A 8 -0.79 11.28 -1.74
OP2 NYM A 8 -0.73 10.19 -2.78
OP1 NYM A 8 -1.03 12.69 -2.16
H3'2 NYM A 8 4.32 12.69 1.31
N1 C42 A 9 7.52 7.74 0.09
C2 C42 A 9 7.79 6.39 -0.21
N3 C42 A 9 6.98 5.73 -1.04
C4 C42 A 9 5.95 6.36 -1.60
C5 C42 A 9 5.69 7.74 -1.36
C6 C42 A 9 6.50 8.40 -0.52
O2 C42 A 9 8.79 5.83 0.30
N4 C42 A 9 5.13 5.67 -2.37
C1' C42 A 9 8.33 8.43 1.13
C2' C42 A 9 9.59 9.13 0.64
C3' C42 A 9 9.07 10.53 0.35
C4' C42 A 9 8.12 10.74 1.52
O4' C42 A 9 7.51 9.45 1.70
C5' C42 A 9 7.04 11.77 1.28
O5' C42 A 9 6.34 11.45 0.08
P C42 A 9 5.31 12.46 -0.60
O1P C42 A 9 5.90 13.81 -0.43
O2P C42 A 9 5.00 11.97 -1.96
N C42 A 9 10.13 11.50 0.36
HN1 C42 A 9 10.80 11.18 1.06
PA G38 A 10 10.93 11.83 -0.97
O2A G38 A 10 11.90 12.87 -0.57
O3P G38 A 10 9.95 12.11 -2.05
O5' G38 A 10 11.72 10.49 -1.34
C5' G38 A 10 12.94 10.13 -0.67
C4' G38 A 10 13.41 8.80 -1.16
O4' G38 A 10 12.39 7.80 -0.93
C3' G38 A 10 13.58 8.75 -2.67
C2' G38 A 10 13.64 7.25 -2.88
C1' G38 A 10 12.56 6.76 -1.90
N9 G38 A 10 11.30 6.61 -2.62
C8 G38 A 10 10.29 7.53 -2.74
N7 G38 A 10 9.33 7.12 -3.50
C5 G38 A 10 9.72 5.86 -3.91
C6 G38 A 10 9.08 4.92 -4.75
O6 G38 A 10 7.99 5.01 -5.30
N1 G38 A 10 9.82 3.78 -4.90
C2 G38 A 10 11.03 3.55 -4.33
N2 G38 A 10 11.59 2.36 -4.62
N3 G38 A 10 11.65 4.41 -3.54
C4 G38 A 10 10.93 5.54 -3.37
N G38 A 10 14.79 9.38 -3.06
HN1 G38 A 10 15.55 8.77 -2.78
N1 C42 A 11 12.97 5.52 -6.84
C2 C42 A 11 11.99 4.80 -7.52
N3 C42 A 11 10.76 5.33 -7.67
C4 C42 A 11 10.52 6.55 -7.20
C5 C42 A 11 11.53 7.34 -6.57
C6 C42 A 11 12.73 6.79 -6.41
O2 C42 A 11 12.31 3.71 -7.99
N4 C42 A 11 9.31 7.03 -7.33
C1' C42 A 11 14.25 4.87 -6.56
C2' C42 A 11 15.23 4.94 -7.72
C3' C42 A 11 15.79 6.33 -7.47
C4' C42 A 11 16.03 6.24 -5.97
O4' C42 A 11 14.85 5.59 -5.48
C5' C42 A 11 16.26 7.55 -5.25
O5' C42 A 11 15.10 8.39 -5.37
P C42 A 11 15.02 9.79 -4.60
O1P C42 A 11 16.36 10.43 -4.62
O2P C42 A 11 13.83 10.54 -5.10
N C42 A 11 17.02 6.56 -8.18
HN1 C42 A 11 17.42 5.64 -8.38
N1 C42 B 1 4.51 5.26 -13.89
C2 C42 B 1 5.87 5.46 -13.77
N3 C42 B 1 6.34 6.38 -12.88
C4 C42 B 1 5.48 7.08 -12.15
C5 C42 B 1 4.06 6.86 -12.22
C6 C42 B 1 3.64 5.95 -13.11
O2 C42 B 1 6.63 4.76 -14.45
N4 C42 B 1 5.96 8.02 -11.31
C1' C42 B 1 4.05 4.31 -14.91
C2' C42 B 1 3.76 2.91 -14.36
C3' C42 B 1 2.31 3.03 -13.93
C4' C42 B 1 1.74 3.88 -15.06
O4' C42 B 1 2.80 4.79 -15.43
C5' C42 B 1 0.47 4.63 -14.73
O5' C42 B 1 0.74 5.72 -13.85
N C42 B 1 1.67 1.73 -13.90
HN1 C42 B 1 2.22 1.13 -14.51
PA G38 B 2 1.46 0.94 -12.51
O2A G38 B 2 0.42 -0.09 -12.82
O3P G38 B 2 1.25 1.89 -11.38
O5' G38 B 2 2.85 0.22 -12.25
C5' G38 B 2 3.44 -0.61 -13.26
C4' G38 B 2 4.92 -0.71 -13.02
O4' G38 B 2 5.56 0.55 -13.27
C3' G38 B 2 5.32 -1.04 -11.59
C2' G38 B 2 6.78 -0.64 -11.63
C1' G38 B 2 6.71 0.65 -12.44
N9 G38 B 2 6.55 1.82 -11.59
C8 G38 B 2 5.39 2.51 -11.32
N7 G38 B 2 5.55 3.48 -10.46
C5 G38 B 2 6.92 3.45 -10.20
C6 G38 B 2 7.71 4.27 -9.34
O6 G38 B 2 7.35 5.26 -8.65
N1 G38 B 2 9.03 3.85 -9.30
C2 G38 B 2 9.54 2.78 -10.00
N2 G38 B 2 10.85 2.49 -9.78
N3 G38 B 2 8.83 2.04 -10.83
C4 G38 B 2 7.55 2.42 -10.88
N G38 B 2 5.11 -2.44 -11.33
HN1 G38 B 2 5.89 -2.94 -11.72
N1 C42 B 3 8.82 -0.30 -7.79
C2 C42 B 3 9.28 0.77 -7.05
N3 C42 B 3 8.41 1.74 -6.69
C4 C42 B 3 7.16 1.69 -7.12
C5 C42 B 3 6.66 0.61 -7.92
C6 C42 B 3 7.51 -0.35 -8.22
O2 C42 B 3 10.49 0.78 -6.73
N4 C42 B 3 6.35 2.70 -6.78
C1' C42 B 3 9.77 -1.38 -8.11
C2' C42 B 3 9.80 -2.46 -7.03
C3' C42 B 3 8.51 -3.17 -7.39
C4' C42 B 3 8.69 -3.28 -8.90
O4' C42 B 3 9.29 -2.04 -9.30
C5' C42 B 3 7.44 -3.58 -9.69
O5' C42 B 3 6.35 -2.84 -9.15
P C42 B 3 4.90 -2.96 -9.81
O1P C42 B 3 4.60 -4.42 -9.95
O2P C42 B 3 3.96 -2.09 -9.05
N C42 B 3 8.41 -4.47 -6.79
HN1 C42 B 3 9.33 -4.73 -6.47
PA G38 B 4 7.38 -4.74 -5.57
O2A G38 B 4 7.46 -6.19 -5.35
O3P G38 B 4 6.06 -4.10 -5.77
O5' G38 B 4 8.13 -4.09 -4.33
C5' G38 B 4 9.47 -4.52 -4.03
C4' G38 B 4 10.14 -3.53 -3.11
O4' G38 B 4 10.35 -2.26 -3.77
C3' G38 B 4 9.37 -3.17 -1.83
C2' G38 B 4 10.14 -1.92 -1.44
C1' G38 B 4 10.29 -1.23 -2.79
N9 G38 B 4 9.14 -0.40 -3.09
C8 G38 B 4 8.12 -0.70 -3.94
N7 G38 B 4 7.24 0.25 -4.03
C5 G38 B 4 7.73 1.24 -3.19
C6 G38 B 4 7.21 2.52 -2.89
O6 G38 B 4 6.22 3.07 -3.34
N1 G38 B 4 8.00 3.20 -1.99
C2 G38 B 4 9.15 2.70 -1.42
N2 G38 B 4 9.75 3.50 -0.54
N3 G38 B 4 9.66 1.51 -1.70
C4 G38 B 4 8.89 0.84 -2.60
N G38 B 4 9.49 -4.20 -0.84
HN1 G38 B 4 10.35 -4.03 -0.34
P A43 B 5 8.32 -4.42 0.26
O1P A43 B 5 8.69 -5.61 1.04
O2P A43 B 5 6.97 -4.37 -0.41
O5' A43 B 5 8.42 -3.16 1.24
C5' A43 B 5 9.63 -2.88 1.98
C4' A43 B 5 9.51 -1.55 2.68
O4' A43 B 5 9.41 -0.48 1.69
C3' A43 B 5 8.29 -1.32 3.55
C2' A43 B 5 8.32 0.20 3.70
C1' A43 B 5 8.75 0.64 2.29
N9 A43 B 5 7.61 1.02 1.44
C8 A43 B 5 7.01 0.26 0.49
N7 A43 B 5 5.97 0.83 -0.08
C5 A43 B 5 5.92 2.08 0.52
C6 A43 B 5 5.06 3.17 0.34
N6 A43 B 5 4.07 3.19 -0.57
N1 A43 B 5 5.24 4.25 1.12
C2 A43 B 5 6.26 4.25 1.99
N3 A43 B 5 7.16 3.29 2.23
C4 A43 B 5 6.93 2.22 1.46
N A43 B 5 8.30 -2.02 4.82
HN1 A43 B 5 9.03 -1.60 5.38
P A43 B 6 6.96 -2.09 5.72
O1P A43 B 6 7.23 -2.73 7.01
O2P A43 B 6 5.86 -2.59 4.87
O5' A43 B 6 6.61 -0.57 6.03
C5' A43 B 6 7.30 0.18 7.05
C4' A43 B 6 6.54 1.46 7.32
O4' A43 B 6 6.52 2.26 6.10
C3' A43 B 6 5.06 1.30 7.66
C2' A43 B 6 4.55 2.69 7.33
C1' A43 B 6 5.27 2.95 6.01
N9 A43 B 6 4.56 2.44 4.83
C8 A43 B 6 4.81 1.26 4.18
N7 A43 B 6 4.01 1.03 3.17
C5 A43 B 6 3.19 2.13 3.13
C6 A43 B 6 2.15 2.48 2.29
N6 A43 B 6 1.76 1.75 1.25
N1 A43 B 6 1.49 3.64 2.54
C2 A43 B 6 1.88 4.38 3.56
N3 A43 B 6 2.87 4.17 4.43
C4 A43 B 6 3.49 3.01 4.16
N A43 B 6 4.88 0.91 9.05
HN1 A43 B 6 4.76 1.76 9.58
N1 NYM B 7 0.10 2.91 6.64
C6 NYM B 7 0.84 1.76 6.49
C2 NYM B 7 -0.84 3.26 5.73
O2 NYM B 7 -1.50 4.28 5.83
N3 NYM B 7 -1.01 2.39 4.71
C4 NYM B 7 -0.33 1.21 4.49
O4 NYM B 7 -0.60 0.51 3.54
C5 NYM B 7 0.66 0.89 5.48
C7 NYM B 7 1.46 -0.38 5.34
O4' NYM B 7 1.52 3.39 8.44
N3' NYM B 7 -0.83 2.38 11.02
C1' NYM B 7 0.29 3.77 7.82
C2' NYM B 7 -0.80 3.56 8.87
C3' NYM B 7 -0.20 2.47 9.71
C4' NYM B 7 1.23 3.00 9.81
O5' NYM B 7 2.38 0.87 9.49
C5' NYM B 7 2.32 2.07 10.30
P1 NYM B 7 3.67 -0.06 9.46
OP2 NYM B 7 3.45 -1.07 8.36
OP1 NYM B 7 3.91 -0.54 10.82
H3'2 NYM B 7 -1.01 3.33 11.31
N1 NYM B 8 -4.96 2.23 6.73
C6 NYM B 8 -3.97 1.48 7.32
C2 NYM B 8 -5.35 1.99 5.44
O2 NYM B 8 -6.25 2.60 4.90
N3 NYM B 8 -4.66 1.00 4.80
C4 NYM B 8 -3.67 0.22 5.33
O4 NYM B 8 -3.17 -0.64 4.64
C5 NYM B 8 -3.33 0.49 6.70
C7 NYM B 8 -2.30 -0.35 7.37
O4' NYM B 8 -4.70 3.77 8.46
N3' NYM B 8 -7.15 2.16 10.57
C1' NYM B 8 -5.62 3.30 7.49
C2' NYM B 8 -6.85 2.81 8.25
C3' NYM B 8 -6.19 2.33 9.51
C4' NYM B 8 -5.25 3.50 9.78
O5' NYM B 8 -3.28 2.22 10.26
C5' NYM B 8 -4.13 3.27 10.74
P1 NYM B 8 -2.20 1.54 11.22
OP2 NYM B 8 -2.00 0.12 10.78
OP1 NYM B 8 -2.68 1.80 12.58
H3'2 NYM B 8 -7.84 2.90 10.46
N1 C42 B 9 -8.51 -0.76 5.68
C2 C42 B 9 -8.31 -1.50 4.52
N3 C42 B 9 -7.18 -2.27 4.39
C4 C42 B 9 -6.32 -2.34 5.40
C5 C42 B 9 -6.51 -1.61 6.62
C6 C42 B 9 -7.60 -0.84 6.71
O2 C42 B 9 -9.19 -1.45 3.64
N4 C42 B 9 -5.26 -3.14 5.27
C1' C42 B 9 -9.69 0.12 5.79
C2' C42 B 9 -11.00 -0.59 6.19
C3' C42 B 9 -11.03 -0.36 7.69
C4' C42 B 9 -10.51 1.07 7.77
O4' C42 B 9 -9.43 1.09 6.82
C5' C42 B 9 -9.92 1.46 9.11
O5' C42 B 9 -8.80 0.61 9.40
P C42 B 9 -7.96 0.76 10.73
O1P C42 B 9 -8.88 0.98 11.85
O2P C42 B 9 -6.98 -0.38 10.79
N C42 B 9 -12.35 -0.53 8.28
HN1 C42 B 9 -13.02 -0.24 7.57
PA G38 B 10 -12.83 -1.97 8.86
O2A G38 B 10 -14.03 -1.73 9.69
O3P G38 B 10 -11.70 -2.74 9.43
O5' G38 B 10 -13.34 -2.77 7.59
C5' G38 B 10 -14.33 -2.25 6.75
C4' G38 B 10 -14.36 -3.06 5.47
O4' G38 B 10 -13.14 -2.82 4.75
C3' G38 B 10 -14.35 -4.57 5.62
C2' G38 B 10 -13.96 -4.97 4.22
C1' G38 B 10 -12.86 -3.96 3.93
N9 G38 B 10 -11.52 -4.43 4.27
C8 G38 B 10 -10.79 -4.08 5.38
N7 G38 B 10 -9.59 -4.61 5.38
C5 G38 B 10 -9.54 -5.34 4.21
C6 G38 B 10 -8.51 -6.14 3.68
O6 G38 B 10 -7.40 -6.36 4.13
N1 G38 B 10 -8.88 -6.72 2.48
C2 G38 B 10 -10.07 -6.58 1.88
N2 G38 B 10 -10.21 -7.20 0.72
N3 G38 B 10 -11.07 -5.86 2.37
C4 G38 B 10 -10.73 -5.27 3.53
N G38 B 10 -15.62 -5.12 6.04
HN1 G38 B 10 -16.18 -5.27 5.21
N1 C42 B 11 -12.44 -9.09 3.69
C2 C42 B 11 -11.29 -9.75 3.31
N3 C42 B 11 -10.19 -9.61 4.06
C4 C42 B 11 -10.23 -8.86 5.17
C5 C42 B 11 -11.40 -8.22 5.60
C6 C42 B 11 -12.48 -8.34 4.83
O2 C42 B 11 -11.32 -10.47 2.30
N4 C42 B 11 -9.10 -8.69 5.86
C1' C42 B 11 -13.64 -9.23 2.86
C2' C42 B 11 -14.31 -10.59 3.15
C3' C42 B 11 -15.19 -10.22 4.32
C4' C42 B 11 -15.74 -8.91 3.82
O4' C42 B 11 -14.58 -8.24 3.26
C5' C42 B 11 -16.36 -8.04 4.88
O5' C42 B 11 -15.37 -7.65 5.84
P C42 B 11 -15.65 -6.49 6.90
O1P C42 B 11 -17.03 -6.70 7.38
O2P C42 B 11 -14.54 -6.44 7.87
N C42 B 11 -16.24 -11.16 4.49
HN1 C42 B 11 -16.50 -11.48 3.57
N1 C42 C 1 -17.98 -32.35 31.72
C2 C42 C 1 -19.04 -33.00 31.07
N3 C42 C 1 -20.16 -32.32 30.80
C4 C42 C 1 -20.26 -31.03 31.16
C5 C42 C 1 -19.21 -30.35 31.83
C6 C42 C 1 -18.10 -31.03 32.08
O2 C42 C 1 -18.92 -34.19 30.76
N4 C42 C 1 -21.39 -30.38 30.86
C1' C42 C 1 -16.74 -33.10 32.00
C2' C42 C 1 -15.67 -33.07 30.90
C3' C42 C 1 -15.01 -31.74 31.22
C4' C42 C 1 -14.94 -31.78 32.75
O4' C42 C 1 -16.13 -32.51 33.15
C5' C42 C 1 -14.90 -30.42 33.42
O5' C42 C 1 -15.98 -29.57 33.00
N C42 C 1 -13.70 -31.61 30.66
HN1 C42 C 1 -13.35 -32.55 30.51
PA G38 C 2 -13.49 -30.79 29.30
O2A G38 C 2 -12.02 -30.70 29.09
O3P G38 C 2 -14.28 -29.53 29.41
O5' G38 C 2 -14.14 -31.72 28.16
C5' G38 C 2 -13.46 -32.91 27.68
C4' G38 C 2 -14.40 -33.82 26.91
O4' G38 C 2 -15.55 -34.22 27.70
C3' G38 C 2 -15.02 -33.30 25.61
C2' G38 C 2 -16.14 -34.29 25.41
C1' G38 C 2 -16.69 -34.32 26.83
N9 G38 C 2 -17.57 -33.20 27.11
C8 G38 C 2 -17.34 -32.15 27.98
N7 G38 C 2 -18.32 -31.28 28.02
C5 G38 C 2 -19.27 -31.79 27.14
C6 G38 C 2 -20.58 -31.29 26.78
O6 G38 C 2 -21.19 -30.31 27.22
N1 G38 C 2 -21.18 -32.10 25.82
C2 G38 C 2 -20.62 -33.22 25.26
N2 G38 C 2 -21.35 -33.83 24.32
N3 G38 C 2 -19.43 -33.72 25.60
C4 G38 C 2 -18.82 -32.95 26.55
N G38 C 2 -14.08 -33.35 24.52
HN1 G38 C 2 -14.29 -34.18 23.99
N1 C42 C 3 -19.16 -31.87 22.18
C2 C42 C 3 -20.40 -31.27 22.14
N3 C42 C 3 -20.68 -30.26 23.00
C4 C42 C 3 -19.75 -29.84 23.86
C5 C42 C 3 -18.46 -30.46 23.93
C6 C42 C 3 -18.22 -31.45 23.08
O2 C42 C 3 -21.23 -31.69 21.31
N4 C42 C 3 -20.03 -28.80 24.67
C1' C42 C 3 -18.87 -32.95 21.23
C2' C42 C 3 -18.49 -32.43 19.84
C3' C42 C 3 -17.00 -32.17 20.05
C4' C42 C 3 -16.61 -33.43 20.83
O4' C42 C 3 -17.73 -33.68 21.72
C5' C42 C 3 -15.31 -33.43 21.59
O5' C42 C 3 -15.25 -32.33 22.52
P C42 C 3 -14.00 -32.11 23.49
O1P C42 C 3 -12.72 -32.27 22.73
O2P C42 C 3 -14.24 -30.86 24.28
N C42 C 3 -16.33 -32.09 18.78
HN1 C42 C 3 -16.87 -32.62 18.11
PA G38 C 4 -15.99 -30.65 18.11
O2A G38 C 4 -15.29 -30.93 16.84
O3P G38 C 4 -15.38 -29.69 19.11
O5' G38 C 4 -17.40 -30.09 17.64
C5' G38 C 4 -18.08 -30.71 16.53
C4' G38 C 4 -19.50 -30.21 16.45
O4' G38 C 4 -20.23 -30.56 17.64
C3' G38 C 4 -19.71 -28.69 16.31
C2' G38 C 4 -21.18 -28.62 16.66
C1' G38 C 4 -21.20 -29.53 17.90
N9 G38 C 4 -20.78 -28.81 19.10
C8 G38 C 4 -19.60 -28.90 19.79
N7 G38 C 4 -19.54 -28.10 20.81
C5 G38 C 4 -20.77 -27.43 20.79
C6 G38 C 4 -21.32 -26.44 21.66
O6 G38 C 4 -20.81 -25.92 22.66
N1 G38 C 4 -22.60 -26.06 21.28
C2 G38 C 4 -23.28 -26.56 20.21
N2 G38 C 4 -24.51 -26.03 20.00
N3 G38 C 4 -22.80 -27.48 19.39
C4 G38 C 4 -21.55 -27.87 19.75
N G38 C 4 -19.43 -28.23 14.96
HN1 G38 C 4 -20.31 -28.26 14.45
P A43 C 5 -18.77 -26.76 14.69
O1P A43 C 5 -18.43 -26.75 13.23
O2P A43 C 5 -17.70 -26.42 15.70
O5' A43 C 5 -19.97 -25.73 14.90
C5' A43 C 5 -21.20 -25.84 14.16
C4' A43 C 5 -22.25 -24.95 14.80
O4' A43 C 5 -22.36 -25.29 16.20
C3' A43 C 5 -21.93 -23.47 14.86
C2' A43 C 5 -22.95 -23.00 15.89
C1' A43 C 5 -22.89 -24.16 16.90
N9 A43 C 5 -22.06 -23.93 18.09
C8 A43 C 5 -20.83 -24.45 18.34
N7 A43 C 5 -20.32 -24.08 19.49
C5 A43 C 5 -21.30 -23.24 20.03
C6 A43 C 5 -21.37 -22.53 21.24
N6 A43 C 5 -20.41 -22.53 22.17
N1 A43 C 5 -22.47 -21.81 21.47
C2 A43 C 5 -23.44 -21.80 20.55
N3 A43 C 5 -23.49 -22.44 19.38
C4 A43 C 5 -22.37 -23.15 19.18
N A43 C 5 -22.06 -22.83 13.57
HN1 A43 C 5 -23.05 -22.78 13.35
P A43 C 6 -21.44 -21.35 13.35
O1P A43 C 6 -21.79 -20.98 11.97
O2P A43 C 6 -20.01 -21.32 13.77
O5' A43 C 6 -22.29 -20.39 14.30
C5' A43 C 6 -23.63 -19.96 13.99
C4' A43 C 6 -24.11 -18.99 15.04
O4' A43 C 6 -24.12 -19.63 16.35
C3' A43 C 6 -23.20 -17.78 15.27
C2' A43 C 6 -23.64 -17.33 16.64
C1' A43 C 6 -23.77 -18.67 17.36
N9 A43 C 6 -22.55 -19.11 18.03
C8 A43 C 6 -21.61 -20.01 17.57
N7 A43 C 6 -20.63 -20.22 18.40
C5 A43 C 6 -20.92 -19.40 19.47
C6 A43 C 6 -20.26 -19.15 20.71
N6 A43 C 6 -19.10 -19.71 21.07
N1 A43 C 6 -20.85 -18.30 21.55
C2 A43 C 6 -21.97 -17.72 21.21
N3 A43 C 6 -22.69 -17.84 20.11
C4 A43 C 6 -22.10 -18.72 19.27
N A43 C 6 -23.37 -16.78 14.25
HN1 A43 C 6 -24.14 -16.19 14.55
N1 NYM C 7 -20.79 -14.75 18.98
C6 NYM C 7 -20.55 -15.63 17.94
C2 NYM C 7 -20.00 -14.74 20.09
O2 NYM C 7 -20.21 -14.00 21.04
N3 NYM C 7 -18.96 -15.62 20.06
C4 NYM C 7 -18.64 -16.50 19.04
O4 NYM C 7 -17.65 -17.22 19.14
C5 NYM C 7 -19.53 -16.48 17.91
C7 NYM C 7 -19.24 -17.39 16.76
O4' NYM C 7 -22.76 -14.16 17.89
N3' NYM C 7 -21.34 -11.21 16.39
C1' NYM C 7 -21.85 -13.76 18.92
C2' NYM C 7 -21.30 -12.38 18.51
C3' NYM C 7 -21.33 -12.52 16.99
C4' NYM C 7 -22.68 -13.21 16.80
O5' NYM C 7 -21.95 -14.80 15.10
C5' NYM C 7 -22.96 -13.84 15.45
P1 NYM C 7 -22.14 -15.80 13.87
OP2 NYM C 7 -20.92 -16.64 13.78
OP1 NYM C 7 -22.57 -15.00 12.67
H3'2 NYM C 7 -21.85 -10.60 17.02
N1 NYM C 8 -17.12 -11.79 20.06
C6 NYM C 8 -17.39 -12.15 18.75
C2 NYM C 8 -16.30 -12.56 20.85
O2 NYM C 8 -16.03 -12.28 21.99
N3 NYM C 8 -15.80 -13.68 20.25
C4 NYM C 8 -16.01 -14.10 18.97
O4 NYM C 8 -15.47 -15.12 18.59
C5 NYM C 8 -16.89 -13.25 18.17
C7 NYM C 8 -17.18 -13.63 16.76
O4' NYM C 8 -18.91 -10.27 20.06
N3' NYM C 8 -16.84 -7.56 18.84
C1' NYM C 8 -17.67 -10.58 20.69
C2' NYM C 8 -16.75 -9.37 20.45
C3' NYM C 8 -17.28 -8.90 19.12
C4' NYM C 8 -18.78 -8.98 19.40
O5' NYM C 8 -19.24 -10.12 17.35
C5' NYM C 8 -19.62 -9.00 18.15
P1 NYM C 8 -19.97 -10.46 15.99
OP2 NYM C 8 -19.12 -11.39 15.25
OP1 NYM C 8 -20.30 -9.12 15.43
H3'2 NYM C 8 -16.54 -7.15 19.72
N1 C42 C 9 -12.55 -10.79 20.10
C2 C42 C 9 -11.81 -11.96 20.28
N3 C42 C 9 -11.90 -12.94 19.37
C4 C42 C 9 -12.66 -12.78 18.29
C5 C42 C 9 -13.42 -11.60 18.07
C6 C42 C 9 -13.34 -10.65 18.99
O2 C42 C 9 -11.08 -12.04 21.29
N4 C42 C 9 -12.70 -13.76 17.40
C1' C42 C 9 -12.47 -9.73 21.09
C2' C42 C 9 -11.22 -8.83 20.91
C3' C42 C 9 -11.77 -7.74 20.04
C4' C42 C 9 -13.14 -7.55 20.68
O4' C42 C 9 -13.60 -8.89 20.93
C5' C42 C 9 -14.19 -6.81 19.87
O5' C42 C 9 -14.31 -7.37 18.56
P C42 C 9 -15.67 -7.30 17.75
O1P C42 C 9 -15.94 -5.92 17.24
O2P C42 C 9 -15.67 -8.45 16.79
N C42 C 9 -10.95 -6.55 20.13
HN1 C42 C 9 -10.46 -6.60 21.02
PA G38 C 10 -9.86 -6.23 18.98
O2A G38 C 10 -9.46 -4.80 19.11
O3P G38 C 10 -10.30 -6.75 17.67
O5' G38 C 10 -8.55 -7.05 19.36
C5' G38 C 10 -7.88 -6.88 20.61
C4' G38 C 10 -6.87 -7.98 20.78
O4' G38 C 10 -7.56 -9.24 20.94
C3' G38 C 10 -6.03 -8.23 19.55
C2' G38 C 10 -5.49 -9.62 19.85
C1' G38 C 10 -6.75 -10.28 20.38
N9 G38 C 10 -7.52 -10.98 19.35
C8 G38 C 10 -8.65 -10.56 18.66
N7 G38 C 10 -9.09 -11.47 17.82
C5 G38 C 10 -8.22 -12.54 17.97
C6 G38 C 10 -8.19 -13.82 17.35
O6 G38 C 10 -8.97 -14.31 16.50
N1 G38 C 10 -7.11 -14.57 17.80
C2 G38 C 10 -6.18 -14.16 18.73
N2 G38 C 10 -5.20 -15.01 19.06
N3 G38 C 10 -6.21 -12.98 19.32
C4 G38 C 10 -7.23 -12.24 18.90
N G38 C 10 -5.00 -7.25 19.35
HN1 G38 C 10 -4.20 -7.54 19.91
N1 C42 C 11 -3.85 -11.97 16.46
C2 C42 C 11 -4.13 -13.15 15.83
N3 C42 C 11 -5.24 -13.26 15.07
C4 C42 C 11 -6.06 -12.22 14.94
C5 C42 C 11 -5.81 -10.98 15.60
C6 C42 C 11 -4.70 -10.90 16.34
O2 C42 C 11 -3.35 -14.10 16.00
N4 C42 C 11 -7.15 -12.38 14.21
C1' C42 C 11 -2.60 -11.88 17.24
C2' C42 C 11 -1.38 -11.53 16.35
C3' C42 C 11 -1.47 -10.02 16.40
C4' C42 C 11 -1.75 -9.80 17.87
O4' C42 C 11 -2.73 -10.81 18.17
C5' C42 C 11 -2.30 -8.44 18.22
O5' C42 C 11 -3.54 -8.21 17.49
P C42 C 11 -4.48 -6.97 17.86
O1P C42 C 11 -3.64 -5.74 17.94
O2P C42 C 11 -5.65 -7.00 16.95
N C42 C 11 -0.23 -9.40 16.03
HN1 C42 C 11 0.51 -10.03 16.33
N1 C42 D 1 -8.88 -16.63 7.79
C2 C42 D 1 -7.72 -16.14 8.29
N3 C42 D 1 -7.75 -15.02 9.06
C4 C42 D 1 -8.92 -14.43 9.32
C5 C42 D 1 -10.14 -14.93 8.81
C6 C42 D 1 -10.07 -16.02 8.05
O2 C42 D 1 -6.67 -16.73 8.03
N4 C42 D 1 -8.92 -13.33 10.06
C1' C42 D 1 -8.82 -17.85 6.96
C2' C42 D 1 -8.62 -19.14 7.77
C3' C42 D 1 -10.00 -19.77 7.73
C4' C42 D 1 -10.48 -19.33 6.35
O4' C42 D 1 -10.06 -17.96 6.28
C5' C42 D 1 -11.98 -19.38 6.16
O5' C42 D 1 -12.55 -18.46 7.11
N C42 D 1 -9.99 -21.22 7.83
HN1 C42 D 1 -9.13 -21.53 7.39
PA G38 D 2 -10.08 -21.94 9.26
O2A G38 D 2 -10.14 -23.40 9.02
O3P G38 D 2 -11.16 -21.29 10.04
O5' G38 D 2 -8.68 -21.60 9.95
C5' G38 D 2 -7.51 -22.33 9.58
C4' G38 D 2 -6.29 -21.87 10.36
O4' G38 D 2 -5.79 -20.56 9.97
C3' G38 D 2 -6.36 -21.82 11.88
C2' G38 D 2 -5.15 -20.97 12.20
C1' G38 D 2 -5.30 -19.88 11.13
N9 G38 D 2 -6.25 -18.84 11.50
C8 G38 D 2 -7.58 -18.76 11.18
N7 G38 D 2 -8.15 -17.68 11.64
C5 G38 D 2 -7.14 -17.00 12.28
C6 G38 D 2 -7.13 -15.73 12.94
O6 G38 D 2 -8.03 -14.92 13.05
N1 G38 D 2 -5.89 -15.44 13.47
C2 G38 D 2 -4.79 -16.23 13.37
N2 G38 D 2 -3.69 -15.77 13.98
N3 G38 D 2 -4.76 -17.38 12.75
C4 G38 D 2 -5.96 -17.71 12.23
N G38 D 2 -6.18 -23.14 12.42
HN1 G38 D 2 -5.18 -23.28 12.53
N1 C42 D 3 -5.97 -18.96 16.02
C2 C42 D 3 -6.19 -17.66 16.42
N3 C42 D 3 -7.38 -17.07 16.16
C4 C42 D 3 -8.34 -17.76 15.54
C5 C42 D 3 -8.13 -19.10 15.09
C6 C42 D 3 -6.94 -19.66 15.35
O2 C42 D 3 -5.28 -17.07 17.03
N4 C42 D 3 -9.52 -17.15 15.34
C1' C42 D 3 -4.67 -19.57 16.34
C2' C42 D 3 -4.66 -20.31 17.68
C3' C42 D 3 -5.02 -21.71 17.25
C4' C42 D 3 -4.19 -21.83 15.98
O4' C42 D 3 -4.34 -20.54 15.34
C5' C42 D 3 -4.67 -22.89 15.01
O5' C42 D 3 -6.09 -22.76 14.89
P C42 D 3 -6.89 -23.56 13.79
O1P C42 D 3 -6.58 -25.02 13.99
O2P C42 D 3 -8.31 -23.09 13.82
N C42 D 3 -4.64 -22.69 18.25
HN1 C42 D 3 -3.79 -22.37 18.67
PA G38 D 4 -5.66 -23.09 19.44
O2A G38 D 4 -4.94 -24.12 20.21
O3P G38 D 4 -7.05 -23.37 18.97
O5' G38 D 4 -5.76 -21.80 20.36
C5' G38 D 4 -4.68 -21.40 21.18
C4' G38 D 4 -4.97 -20.04 21.77
O4' G38 D 4 -5.21 -19.13 20.66
C3' G38 D 4 -6.26 -19.94 22.58
C2' G38 D 4 -6.42 -18.42 22.60
C1' G38 D 4 -6.04 -18.06 21.15
N9 G38 D 4 -7.20 -17.95 20.26
C8 G38 D 4 -7.69 -18.87 19.37
N7 G38 D 4 -8.80 -18.49 18.80
C5 G38 D 4 -9.04 -17.22 19.33
C6 G38 D 4 -10.11 -16.30 19.11
O6 G38 D 4 -11.10 -16.44 18.38
N1 G38 D 4 -9.95 -15.15 19.86
C2 G38 D 4 -8.91 -14.91 20.73
N2 G38 D 4 -8.95 -13.75 21.39
N3 G38 D 4 -7.92 -15.74 20.94
C4 G38 D 4 -8.04 -16.87 20.21
N G38 D 4 -6.18 -20.54 23.91
HN1 G38 D 4 -5.68 -19.91 24.50
P A43 D 5 -7.54 -20.97 24.68
O1P A43 D 5 -7.16 -21.66 25.94
O2P A43 D 5 -8.41 -21.67 23.73
O5' A43 D 5 -8.25 -19.60 25.07
C5' A43 D 5 -7.65 -18.64 25.98
C4' A43 D 5 -8.53 -17.42 26.16
O4' A43 D 5 -8.62 -16.69 24.91
C3' A43 D 5 -10.00 -17.63 26.57
C2' A43 D 5 -10.57 -16.27 26.22
C1' A43 D 5 -9.86 -15.95 24.89
N9 A43 D 5 -10.62 -16.38 23.73
C8 A43 D 5 -10.54 -17.58 23.02
N7 A43 D 5 -11.40 -17.67 22.04
C5 A43 D 5 -12.07 -16.46 22.06
C6 A43 D 5 -13.11 -15.95 21.26
N6 A43 D 5 -13.65 -16.59 20.23
N1 A43 D 5 -13.58 -14.72 21.57
C2 A43 D 5 -13.05 -14.07 22.60
N3 A43 D 5 -12.07 -14.44 23.41
C4 A43 D 5 -11.61 -15.66 23.10
N A43 D 5 -10.13 -17.95 27.98
HN1 A43 D 5 -10.14 -17.07 28.48
P A43 D 6 -11.38 -18.83 28.52
O1P A43 D 6 -11.09 -19.13 29.92
O2P A43 D 6 -11.71 -19.90 27.57
O5' A43 D 6 -12.63 -17.84 28.53
C5' A43 D 6 -12.62 -16.60 29.28
C4' A43 D 6 -13.72 -15.69 28.77
O4' A43 D 6 -13.47 -15.41 27.37
C3' A43 D 6 -15.10 -16.31 28.73
C2' A43 D 6 -15.80 -15.32 27.84
C1' A43 D 6 -14.73 -15.13 26.75
N9 A43 D 6 -14.85 -16.01 25.58
C8 A43 D 6 -14.09 -17.10 25.25
N7 A43 D 6 -14.40 -17.64 24.09
C5 A43 D 6 -15.46 -16.86 23.63
C6 A43 D 6 -16.25 -16.89 22.43
N6 A43 D 6 -16.12 -17.78 21.45
N1 A43 D 6 -17.19 -15.95 22.28
C2 A43 D 6 -17.34 -15.03 23.27
N3 A43 D 6 -16.69 -14.90 24.42
C4 A43 D 6 -15.74 -15.86 24.54
N A43 D 6 -15.69 -16.43 30.05
HN1 A43 D 6 -16.22 -15.59 30.21
N1 NYM D 7 -19.48 -16.80 26.24
C6 NYM D 7 -18.50 -17.62 26.73
C2 NYM D 7 -19.98 -16.96 24.95
O2 NYM D 7 -20.91 -16.29 24.50
N3 NYM D 7 -19.38 -17.95 24.22
C4 NYM D 7 -18.38 -18.80 24.65
O4 NYM D 7 -17.93 -19.63 23.88
C5 NYM D 7 -17.95 -18.61 26.03
C7 NYM D 7 -16.94 -19.55 26.62
O4' NYM D 7 -19.08 -15.48 28.15
N3' NYM D 7 -22.01 -16.53 29.94
C1' NYM D 7 -20.02 -15.70 27.07
C2' NYM D 7 -21.36 -16.02 27.71
C3' NYM D 7 -20.91 -16.61 29.02
C4' NYM D 7 -19.78 -15.64 29.39
O5' NYM D 7 -18.09 -17.27 29.92
C5' NYM D 7 -18.76 -16.09 30.40
P1 NYM D 7 -16.63 -17.70 30.41
OP2 NYM D 7 -16.23 -18.86 29.58
OP1 NYM D 7 -16.65 -17.83 31.88
H3'2 NYM D 7 -22.67 -15.88 29.55
N1 NYM D 8 -23.35 -19.27 25.29
C6 NYM D 8 -22.49 -19.42 26.36
C2 NYM D 8 -23.18 -19.93 24.10
O2 NYM D 8 -23.94 -19.80 23.19
N3 NYM D 8 -22.08 -20.72 24.04
C4 NYM D 8 -21.15 -20.94 25.07
O4 NYM D 8 -20.20 -21.69 24.89
C5 NYM D 8 -21.42 -20.22 26.31
C7 NYM D 8 -20.50 -20.39 27.48
O4' NYM D 8 -24.26 -17.56 26.53
N3' NYM D 8 -27.17 -19.30 27.73
C1' NYM D 8 -24.51 -18.40 25.41
C2' NYM D 8 -25.79 -19.18 25.72
C3' NYM D 8 -25.83 -19.10 27.22
C4' NYM D 8 -25.38 -17.65 27.43
O5' NYM D 8 -23.82 -18.19 29.19
C5' NYM D 8 -24.87 -17.28 28.81
P1 NYM D 8 -22.82 -17.86 30.38
OP2 NYM D 8 -21.90 -19.03 30.49
OP1 NYM D 8 -23.60 -17.41 31.58
H3'2 NYM D 8 -27.80 -18.86 27.07
N1 C42 D 9 -26.25 -23.20 23.51
C2 C42 D 9 -25.42 -23.89 22.63
N3 C42 D 9 -24.19 -24.21 23.00
C4 C42 D 9 -23.75 -23.90 24.22
C5 C42 D 9 -24.57 -23.24 25.16
C6 C42 D 9 -25.81 -22.91 24.77
O2 C42 D 9 -25.87 -24.20 21.53
N4 C42 D 9 -22.49 -24.25 24.55
C1' C42 D 9 -27.60 -22.79 23.04
C2' C42 D 9 -28.74 -23.79 23.33
C3' C42 D 9 -29.14 -23.35 24.72
C4' C42 D 9 -29.15 -21.84 24.54
O4' C42 D 9 -27.97 -21.58 23.73
C5' C42 D 9 -29.08 -21.00 25.78
O5' C42 D 9 -27.96 -21.40 26.56
P C42 D 9 -27.72 -20.79 28.00
O1P C42 D 9 -29.01 -20.66 28.64
O2P C42 D 9 -26.68 -21.62 28.65
N C42 D 9 -30.43 -23.87 25.10
HN1 C42 D 9 -30.95 -24.00 24.24
PA G38 D 10 -30.56 -25.22 25.98
O2A G38 D 10 -31.97 -25.24 26.32
O3P G38 D 10 -29.55 -25.25 27.02
O5' G38 D 10 -30.25 -26.41 24.97
C5' G38 D 10 -31.06 -26.65 23.79
C4' G38 D 10 -30.33 -27.57 22.83
O4' G38 D 10 -29.10 -26.93 22.43
C3' G38 D 10 -29.87 -28.91 23.37
C2' G38 D 10 -28.83 -29.28 22.31
C1' G38 D 10 -28.13 -27.93 22.09
N9 G38 D 10 -26.95 -27.71 22.93
C8 G38 D 10 -26.85 -26.87 24.02
N7 G38 D 10 -25.67 -26.90 24.57
C5 G38 D 10 -24.96 -27.79 23.78
C6 G38 D 10 -23.61 -28.22 23.87
O6 G38 D 10 -22.74 -27.89 24.65
N1 G38 D 10 -23.31 -29.14 22.89
C2 G38 D 10 -24.17 -29.62 21.97
N2 G38 D 10 -23.69 -30.58 21.13
N3 G38 D 10 -25.42 -29.22 21.87
C4 G38 D 10 -25.74 -28.31 22.79
N G38 D 10 -30.94 -29.87 23.41
HN1 G38 D 10 -31.03 -30.26 22.48
N1 C42 D 11 -25.75 -32.18 23.99
C2 C42 D 11 -24.39 -32.23 24.36
N3 C42 D 11 -23.96 -31.46 25.35
C4 C42 D 11 -24.82 -30.70 26.03
C5 C42 D 11 -26.21 -30.68 25.73
C6 C42 D 11 -26.63 -31.42 24.70
O2 C42 D 11 -23.64 -32.99 23.78
N4 C42 D 11 -24.32 -29.95 27.01
C1' C42 D 11 -26.18 -32.93 22.82
C2' C42 D 11 -26.44 -34.42 23.10
C3' C42 D 11 -27.90 -34.38 23.45
C4' C42 D 11 -28.43 -33.40 22.40
O4' C42 D 11 -27.42 -32.37 22.38
C5' C42 D 11 -29.75 -32.75 22.71
O5' C42 D 11 -29.65 -32.01 23.94
P C42 D 11 -30.87 -31.12 24.45
O1P C42 D 11 -32.15 -31.82 24.19
O2P C42 D 11 -30.57 -30.65 25.82
N C42 D 11 -28.48 -35.69 23.31
HN1 C42 D 11 -27.82 -36.24 22.78
N1 C42 E 1 11.07 6.12 -16.06
C2 C42 E 1 9.76 6.60 -16.04
N3 C42 E 1 9.45 7.65 -15.25
C4 C42 E 1 10.38 8.20 -14.48
C5 C42 E 1 11.74 7.74 -14.48
C6 C42 E 1 12.03 6.71 -15.29
O2 C42 E 1 8.90 6.02 -16.76
N4 C42 E 1 10.02 9.18 -13.67
C1' C42 E 1 11.38 4.96 -16.92
C2' C42 E 1 11.54 5.30 -18.40
C3' C42 E 1 12.95 5.87 -18.36
C4' C42 E 1 13.65 4.86 -17.45
O4' C42 E 1 12.64 4.44 -16.52
C5' C42 E 1 14.91 5.34 -16.75
O5' C42 E 1 14.74 6.66 -16.27
N C42 E 1 13.56 5.89 -19.66
HN1 C42 E 1 13.06 5.24 -20.24
PA G38 E 2 13.68 7.28 -20.47
O2A G38 E 2 14.36 6.95 -21.76
O3P G38 E 2 14.18 8.39 -19.62
O5' G38 E 2 12.17 7.60 -20.84
C5' G38 E 2 11.44 6.75 -21.73
C4' G38 E 2 10.06 7.32 -21.94
O4' G38 E 2 9.24 7.05 -20.78
C3' G38 E 2 10.01 8.84 -22.12
C2' G38 E 2 8.56 9.09 -21.77
C1' G38 E 2 8.41 8.19 -20.54
N9 G38 E 2 8.87 8.84 -19.32
C8 G38 E 2 10.11 8.82 -18.74
N7 G38 E 2 10.18 9.53 -17.66
C5 G38 E 2 8.90 10.06 -17.51
C6 G38 E 2 8.36 10.93 -16.53
O6 G38 E 2 8.90 11.43 -15.55
N1 G38 E 2 7.03 11.21 -16.78
C2 G38 E 2 6.30 10.73 -17.83
N2 G38 E 2 5.02 11.16 -17.91
N3 G38 E 2 6.79 9.91 -18.75
C4 G38 E 2 8.08 9.64 -18.53
N G38 E 2 10.34 9.25 -23.48
HN1 G38 E 2 9.50 9.15 -24.03
N1 C42 E 3 7.44 13.38 -20.58
C2 C42 E 3 6.95 14.16 -19.51
N3 C42 E 3 7.77 14.41 -18.46
C4 C42 E 3 9.01 13.94 -18.45
C5 C42 E 3 9.49 13.08 -19.48
C6 C42 E 3 8.69 12.84 -20.52
O2 C42 E 3 5.77 14.60 -19.54
N4 C42 E 3 9.79 14.28 -17.44
C1' C42 E 3 6.61 13.21 -21.79
C2' C42 E 3 6.73 14.42 -22.74
C3' C42 E 3 7.90 13.99 -23.62
C4' C42 E 3 7.50 12.53 -23.84
O4' C42 E 3 7.12 12.08 -22.51
C5' C42 E 3 8.57 11.61 -24.37
O5' C42 E 3 9.74 11.71 -23.56
P C42 E 3 10.97 10.72 -23.79
O1P C42 E 3 11.25 10.76 -25.25
O2P C42 E 3 12.06 11.12 -22.83
N C42 E 3 8.03 14.72 -24.87
HN1 C42 E 3 7.12 14.71 -25.31
PA G38 E 4 8.57 16.24 -24.88
O2A G38 E 4 8.39 16.74 -26.26
O3P G38 E 4 9.88 16.36 -24.26
O5' G38 E 4 7.57 17.02 -23.92
C5' G38 E 4 6.23 17.38 -24.32
C4' G38 E 4 5.62 18.35 -23.35
O4' G38 E 4 5.39 17.70 -22.09
C3' G38 E 4 6.47 19.59 -23.00
C2' G38 E 4 5.89 19.97 -21.65
C1' G38 E 4 5.71 18.58 -21.02
N9 G38 E 4 6.91 18.05 -20.38
C8 G38 E 4 7.74 17.07 -20.86
N7 G38 E 4 8.77 16.85 -20.10
C5 G38 E 4 8.60 17.71 -19.04
C6 G38 E 4 9.40 17.91 -17.89
O6 G38 E 4 10.41 17.31 -17.57
N1 G38 E 4 8.88 18.91 -17.07
C2 G38 E 4 7.74 19.63 -17.34
N2 G38 E 4 7.44 20.59 -16.47
N3 G38 E 4 6.97 19.43 -18.39
C4 G38 E 4 7.45 18.46 -19.19
N G38 E 4 6.32 20.61 -24.03
HN1 G38 E 4 5.45 21.09 -23.83
P A43 E 5 7.46 21.74 -24.26
O1P A43 E 5 6.91 22.60 -25.30
O2P A43 E 5 8.79 21.14 -24.42
O5' A43 E 5 7.47 22.59 -22.91
C5' A43 E 5 6.54 23.65 -22.67
C4' A43 E 5 6.85 24.33 -21.36
O4' A43 E 5 6.83 23.37 -20.29
C3' A43 E 5 8.24 24.93 -21.26
C2' A43 E 5 8.33 25.11 -19.76
C1' A43 E 5 7.82 23.73 -19.33
N9 A43 E 5 8.85 22.69 -19.33
C8 A43 E 5 9.07 21.71 -20.25
N7 A43 E 5 10.08 20.92 -19.96
C5 A43 E 5 10.56 21.43 -18.75
C6 A43 E 5 11.63 21.02 -17.89
N6 A43 E 5 12.47 20.02 -18.13
N1 A43 E 5 11.79 21.72 -16.75
C2 A43 E 5 10.98 22.76 -16.50
N3 A43 E 5 9.97 23.24 -17.23
C4 A43 E 5 9.81 22.51 -18.35
N A43 E 5 8.29 26.16 -22.00
HN1 A43 E 5 7.67 26.82 -21.53
P A43 E 6 9.69 26.91 -22.23
O1P A43 E 6 9.34 28.23 -22.79
O2P A43 E 6 10.61 26.03 -22.99
O5' A43 E 6 10.29 27.17 -20.78
C5' A43 E 6 9.99 28.35 -20.04
C4' A43 E 6 10.96 28.51 -18.90
O4' A43 E 6 10.81 27.34 -18.06
C3' A43 E 6 12.45 28.55 -19.23
C2' A43 E 6 13.04 28.15 -17.90
C1' A43 E 6 12.12 26.98 -17.57
N9 A43 E 6 12.55 25.73 -18.24
C8 A43 E 6 12.13 25.13 -19.41
N7 A43 E 6 12.72 23.98 -19.66
C5 A43 E 6 13.59 23.82 -18.59
C6 A43 E 6 14.52 22.79 -18.26
N6 A43 E 6 14.75 21.71 -18.98
N1 A43 E 6 15.22 22.94 -17.13
C2 A43 E 6 15.01 24.04 -16.37
N3 A43 E 6 14.20 25.06 -16.58
C4 A43 E 6 13.50 24.88 -17.71
N A43 E 6 12.89 29.87 -19.60
HN1 A43 E 6 13.04 30.37 -18.74
N1 NYM E 7 17.37 26.68 -18.20
C6 NYM E 7 16.50 26.82 -19.27
C2 NYM E 7 18.09 25.55 -18.01
O2 NYM E 7 18.87 25.43 -17.10
N3 NYM E 7 17.88 24.56 -18.95
C4 NYM E 7 17.03 24.63 -20.04
O4 NYM E 7 16.94 23.67 -20.80
C5 NYM E 7 16.30 25.88 -20.18
C7 NYM E 7 15.37 26.06 -21.34
O4' NYM E 7 16.37 28.58 -17.33
N3' NYM E 7 18.91 30.98 -18.28
C1' NYM E 7 17.53 27.75 -17.23
C2' NYM E 7 18.75 28.65 -17.51
C3' NYM E 7 18.13 29.77 -18.32
C4' NYM E 7 16.79 29.94 -17.58
O5' NYM E 7 15.44 29.79 -19.57
C5' NYM E 7 15.68 30.57 -18.38
P1 NYM E 7 14.21 30.08 -20.52
OP2 NYM E 7 14.27 29.10 -21.64
OP1 NYM E 7 14.23 31.52 -20.82
H3'2 NYM E 7 19.40 30.99 -17.39
N1 NYM E 8 22.20 26.67 -18.89
C6 NYM E 8 21.24 27.35 -19.61
C2 NYM E 8 22.46 25.35 -19.15
O2 NYM E 8 23.32 24.73 -18.57
N3 NYM E 8 21.67 24.79 -20.10
C4 NYM E 8 20.68 25.40 -20.84
O4 NYM E 8 20.03 24.73 -21.65
C5 NYM E 8 20.48 26.78 -20.57
C7 NYM E 8 19.44 27.52 -21.34
O4' NYM E 8 22.17 28.36 -17.25
N3' NYM E 8 24.88 30.29 -18.63
C1' NYM E 8 22.97 27.30 -17.79
C2' NYM E 8 24.31 27.94 -18.21
C3' NYM E 8 23.82 29.32 -18.60
C4' NYM E 8 22.86 29.62 -17.45
O5' NYM E 8 21.27 30.51 -18.99
C5' NYM E 8 21.85 30.72 -17.70
P1 NYM E 8 19.98 31.30 -19.44
OP2 NYM E 8 19.53 30.72 -20.72
OP1 NYM E 8 20.31 32.73 -19.38
H3'2 NYM E 8 25.60 29.96 -18.00
N1 C42 E 9 25.93 25.51 -21.65
C2 C42 E 9 25.58 24.35 -22.31
N3 C42 E 9 24.46 24.30 -23.03
C4 C42 E 9 23.67 25.38 -23.12
C5 C42 E 9 24.02 26.61 -22.49
C6 C42 E 9 25.14 26.63 -21.77
O2 C42 E 9 26.34 23.39 -22.24
N4 C42 E 9 22.55 25.27 -23.82
C1' C42 E 9 27.16 25.53 -20.84
C2' C42 E 9 28.42 25.84 -21.67
C3' C42 E 9 28.40 27.35 -21.63
C4' C42 E 9 28.10 27.56 -20.15
O4' C42 E 9 27.06 26.61 -19.89
C5' C42 E 9 27.65 28.94 -19.72
O5' C42 E 9 26.44 29.34 -20.43
P C42 E 9 25.61 30.65 -20.03
O1P C42 E 9 26.53 31.71 -19.59
O2P C42 E 9 24.63 30.91 -21.08
N C42 E 9 29.62 27.92 -22.04
HN1 C42 E 9 30.35 27.25 -21.84
PA G38 E 10 29.81 28.39 -23.58
O2A G38 E 10 31.07 29.15 -23.56
O3P G38 E 10 28.58 29.05 -24.05
O5' G38 E 10 30.03 27.04 -24.37
C5' G38 E 10 31.23 26.27 -24.15
C4' G38 E 10 31.16 24.97 -24.92
O4' G38 E 10 30.06 24.19 -24.41
C3' G38 E 10 30.89 25.09 -26.43
C2' G38 E 10 30.36 23.70 -26.71
C1' G38 E 10 29.40 23.57 -25.52
N9 G38 E 10 28.12 24.25 -25.74
C8 G38 E 10 27.69 25.45 -25.20
N7 G38 E 10 26.46 25.74 -25.55
C5 G38 E 10 26.06 24.68 -26.37
C6 G38 E 10 24.83 24.43 -27.08
O6 G38 E 10 23.82 25.10 -27.13
N1 G38 E 10 24.89 23.25 -27.79
C2 G38 E 10 25.98 22.43 -27.86
N2 G38 E 10 25.84 21.34 -28.61
N3 G38 E 10 27.11 22.66 -27.24
C4 G38 E 10 27.09 23.78 -26.51
N G38 E 10 32.11 25.35 -27.16
HN1 G38 E 10 32.53 24.45 -27.36
N1 C42 E 11 28.10 23.99 -30.71
C2 C42 E 11 26.85 23.95 -31.30
N3 C42 E 11 25.93 24.89 -30.96
C4 C42 E 11 26.24 25.83 -30.06
C5 C42 E 11 27.53 25.90 -29.47
C6 C42 E 11 28.43 24.97 -29.81
O2 C42 E 11 26.62 23.06 -32.12
N4 C42 E 11 25.29 26.72 -29.73
C1' C42 E 11 29.06 22.96 -31.07
C2' C42 E 11 29.75 23.19 -32.43
C3' C42 E 11 31.06 23.81 -32.00
C4' C42 E 11 31.36 23.04 -30.72
O4' C42 E 11 30.08 22.94 -30.07
C5' C42 E 11 32.20 23.85 -29.77
O5' C42 E 11 31.56 25.11 -29.62
P C42 E 11 32.04 26.19 -28.56
O1P C42 E 11 33.43 26.59 -28.89
O2P C42 E 11 30.97 27.22 -28.54
N C42 E 11 32.10 23.65 -32.98
HN1 C42 E 11 32.03 22.72 -33.35
N1 C42 F 1 19.40 29.36 -33.29
C2 C42 F 1 20.63 28.73 -33.51
N3 C42 F 1 21.63 28.91 -32.62
C4 C42 F 1 21.44 29.65 -31.52
C5 C42 F 1 20.19 30.28 -31.25
C6 C42 F 1 19.21 30.11 -32.15
O2 C42 F 1 20.77 28.01 -34.52
N4 C42 F 1 22.46 29.77 -30.67
C1' C42 F 1 18.31 29.22 -34.30
C2' C42 F 1 17.46 27.95 -34.27
C3' C42 F 1 16.48 28.30 -33.17
C4' C42 F 1 16.23 29.80 -33.39
O4' C42 F 1 17.38 30.30 -34.12
C5' C42 F 1 15.98 30.58 -32.12
O5' C42 F 1 16.82 30.13 -31.02
N C42 F 1 15.25 27.56 -33.24
HN1 C42 F 1 15.16 27.21 -34.18
PA G38 F 2 15.00 26.32 -32.24
O2A G38 F 2 13.58 25.86 -32.39
O3P G38 F 2 15.52 26.68 -30.88
O5' G38 F 2 15.91 25.17 -32.83
C5' G38 F 2 15.47 24.42 -33.98
C4' G38 F 2 16.58 23.52 -34.48
O4' G38 F 2 17.73 24.32 -34.86
C3' G38 F 2 17.12 22.55 -33.45
C2' G38 F 2 18.51 22.26 -33.98
C1' G38 F 2 18.92 23.68 -34.38
N9 G38 F 2 19.49 24.52 -33.34
C8 G38 F 2 18.85 25.46 -32.56
N7 G38 F 2 19.65 26.08 -31.75
C5 G38 F 2 20.88 25.49 -31.97
C6 G38 F 2 22.15 25.74 -31.37
O6 G38 F 2 22.43 26.53 -30.46
N1 G38 F 2 23.13 24.92 -31.91
C2 G38 F 2 22.93 23.98 -32.88
N2 G38 F 2 24.00 23.28 -33.26
N3 G38 F 2 21.77 23.74 -33.45
C4 G38 F 2 20.80 24.53 -32.95
N G38 F 2 16.30 21.38 -33.38
HN1 G38 F 2 16.65 20.72 -34.07
N1 C42 F 3 21.55 20.93 -31.03
C2 C42 F 3 22.71 21.24 -30.31
N3 C42 F 3 22.69 22.30 -29.46
C4 C42 F 3 21.57 23.00 -29.29
C5 C42 F 3 20.36 22.67 -29.97
C6 C42 F 3 20.39 21.64 -30.82
O2 C42 F 3 23.74 20.53 -30.46
N4 C42 F 3 21.61 24.05 -28.46
C1' C42 F 3 21.59 19.81 -31.97
C2' C42 F 3 21.56 18.45 -31.29
C3' C42 F 3 20.05 18.32 -31.12
C4' C42 F 3 19.60 18.72 -32.51
O4' C42 F 3 20.41 19.89 -32.79
C5' C42 F 3 18.13 18.96 -32.72
O5' C42 F 3 17.62 19.92 -31.77
P C42 F 3 16.18 20.58 -31.97
O1P C42 F 3 15.16 19.49 -32.16
O2P C42 F 3 15.97 21.60 -30.92
N C42 F 3 19.61 16.99 -30.82
HN1 C42 F 3 20.31 16.36 -31.20
PA G38 F 4 19.34 16.57 -29.29
O2A G38 F 4 18.92 15.14 -29.35
O3P G38 F 4 18.46 17.59 -28.63
O5' G38 F 4 20.79 16.63 -28.62
C5' G38 F 4 21.84 15.75 -29.07
C4' G38 F 4 23.08 15.92 -28.21
O4' G38 F 4 23.79 17.12 -28.54
C3' G38 F 4 22.86 15.98 -26.70
C2' G38 F 4 24.15 16.65 -26.26
C1' G38 F 4 24.20 17.74 -27.32
N9 G38 F 4 23.29 18.84 -27.03
C8 G38 F 4 22.03 19.04 -27.53
N7 G38 F 4 21.46 20.12 -27.07
C5 G38 F 4 22.43 20.66 -26.23
C6 G38 F 4 22.40 21.84 -25.45
O6 G38 F 4 21.51 22.66 -25.36
N1 G38 F 4 23.57 22.00 -24.73
C2 G38 F 4 24.65 21.13 -24.77
N2 G38 F 4 25.70 21.45 -24.01
N3 G38 F 4 24.68 20.05 -25.50
C4 G38 F 4 23.55 19.87 -26.19
N G38 F 4 22.74 14.66 -26.16
HN1 G38 F 4 23.68 14.34 -25.95
P A43 F 5 21.84 14.39 -24.86
O1P A43 F 5 21.88 12.93 -24.70
O2P A43 F 5 20.51 15.09 -24.93
O5' A43 F 5 22.68 14.99 -23.66
C5' A43 F 5 23.99 14.47 -23.34
C4' A43 F 5 24.71 15.44 -22.42
O4' A43 F 5 24.79 16.73 -23.08
C3' A43 F 5 24.02 15.74 -21.10
C2' A43 F 5 24.66 17.06 -20.74
C1' A43 F 5 24.67 17.75 -22.11
N9 A43 F 5 23.47 18.53 -22.41
C8 A43 F 5 22.39 18.24 -23.20
N7 A43 F 5 21.48 19.19 -23.23
C5 A43 F 5 22.00 20.19 -22.41
C6 A43 F 5 21.56 21.49 -22.03
N6 A43 F 5 20.45 22.08 -22.48
N1 A43 F 5 22.34 22.20 -21.18
C2 A43 F 5 23.48 21.66 -20.76
N3 A43 F 5 24.02 20.49 -21.06
C4 A43 F 5 23.22 19.79 -21.88
N A43 F 5 24.27 14.69 -20.13
HN1 A43 F 5 25.06 14.99 -19.58
P A43 F 6 23.11 14.21 -19.09
O1P A43 F 6 23.60 12.98 -18.42
O2P A43 F 6 21.77 14.20 -19.78
O5' A43 F 6 23.08 15.36 -17.98
C5' A43 F 6 24.27 15.69 -17.21
C4' A43 F 6 24.15 17.10 -16.68
O4' A43 F 6 23.89 18.01 -17.78
C3' A43 F 6 22.95 17.35 -15.76
C2' A43 F 6 22.87 18.87 -15.80
C1' A43 F 6 23.14 19.12 -17.29
N9 A43 F 6 21.97 19.28 -18.14
C8 A43 F 6 21.37 18.36 -18.98
N7 A43 F 6 20.31 18.82 -19.60
C5 A43 F 6 20.21 20.14 -19.15
C6 A43 F 6 19.32 21.18 -19.45
N6 A43 F 6 18.30 21.09 -20.30
N1 A43 F 6 19.49 22.36 -18.83
C2 A43 F 6 20.52 22.48 -17.98
N3 A43 F 6 21.42 21.59 -17.63
C4 A43 F 6 21.21 20.42 -18.25
N A43 F 6 23.14 16.79 -14.45
HN1 A43 F 6 23.73 17.43 -13.94
N1 NYM F 7 19.14 20.96 -14.41
C6 NYM F 7 19.32 19.70 -14.97
C2 NYM F 7 18.22 21.85 -14.94
O2 NYM F 7 18.04 22.97 -14.50
N3 NYM F 7 17.50 21.35 -16.00
C4 NYM F 7 17.62 20.13 -16.59
O4 NYM F 7 16.92 19.86 -17.55
C5 NYM F 7 18.62 19.24 -16.01
C7 NYM F 7 18.82 17.86 -16.59
O4' NYM F 7 21.15 20.64 -13.19
N3' NYM F 7 19.69 19.57 -10.04
C1' NYM F 7 19.94 21.40 -13.23
C2' NYM F 7 19.26 21.19 -11.88
C3' NYM F 7 19.83 19.86 -11.47
C4' NYM F 7 21.29 19.99 -11.90
O5' NYM F 7 21.31 17.84 -13.03
C5' NYM F 7 22.02 18.69 -12.08
P1 NYM F 7 21.87 16.43 -13.52
OP2 NYM F 7 20.81 15.76 -14.32
OP1 NYM F 7 22.44 15.74 -12.35
H3'2 NYM F 7 19.63 20.46 -9.57
N1 NYM F 8 14.79 21.53 -12.54
C6 NYM F 8 15.48 20.35 -12.66
C2 NYM F 8 13.92 21.95 -13.49
O2 NYM F 8 13.27 22.98 -13.39
N3 NYM F 8 13.78 21.11 -14.55
C4 NYM F 8 14.41 19.89 -14.74
O4 NYM F 8 14.16 19.24 -15.76
C5 NYM F 8 15.32 19.50 -13.68
C7 NYM F 8 16.02 18.17 -13.76
O4' NYM F 8 16.21 22.05 -10.76
N3' NYM F 8 13.91 21.08 -8.16
C1' NYM F 8 14.96 22.40 -11.38
C2' NYM F 8 13.86 22.14 -10.32
C3' NYM F 8 14.52 21.11 -9.45
C4' NYM F 8 15.94 21.69 -9.38
O5' NYM F 8 17.16 19.59 -9.64
C5' NYM F 8 17.02 20.78 -8.84
P1 NYM F 8 18.46 18.67 -9.53
OP2 NYM F 8 18.30 17.56 -10.50
OP1 NYM F 8 18.65 18.36 -8.07
H3'2 NYM F 8 13.37 21.93 -8.07
N1 C42 F 9 10.32 20.40 -12.37
C2 C42 F 9 9.85 20.24 -13.69
N3 C42 F 9 10.32 19.25 -14.46
C4 C42 F 9 11.24 18.43 -13.96
C5 C42 F 9 11.74 18.55 -12.64
C6 C42 F 9 11.26 19.55 -11.88
O2 C42 F 9 8.99 21.02 -14.11
N4 C42 F 9 11.69 17.50 -14.80
C1' C42 F 9 9.77 21.52 -11.58
C2' C42 F 9 8.44 21.14 -10.94
C3' C42 F 9 8.89 20.70 -9.56
C4' C42 F 9 9.94 21.77 -9.26
O4' C42 F 9 10.68 21.83 -10.52
C5' C42 F 9 10.87 21.47 -8.11
O5' C42 F 9 11.49 20.19 -8.30
P C42 F 9 12.95 19.86 -7.74
O1P C42 F 9 12.85 19.89 -6.25
O2P C42 F 9 13.39 18.62 -8.39
N C42 F 9 7.78 20.70 -8.64
HN1 C42 F 9 7.10 21.35 -9.00
PA G38 F 10 7.01 19.30 -8.32
O2A G38 F 10 6.32 19.54 -7.04
O3P G38 F 10 7.99 18.18 -8.42
O5' G38 F 10 5.96 19.09 -9.48
C5' G38 F 10 4.91 20.04 -9.70
C4' G38 F 10 4.29 19.79 -11.05
O4' G38 F 10 5.29 20.02 -12.08
C3' G38 F 10 3.84 18.35 -11.30
C2' G38 F 10 3.72 18.39 -12.82
C1' G38 F 10 4.99 19.19 -13.20
N9 G38 F 10 6.14 18.34 -13.46
C8 G38 F 10 7.25 18.16 -12.65
N7 G38 F 10 8.11 17.31 -13.14
C5 G38 F 10 7.53 16.89 -14.34
C6 G38 F 10 7.99 15.96 -15.29
O6 G38 F 10 9.01 15.28 -15.28
N1 G38 F 10 7.11 15.84 -16.35
C2 G38 F 10 5.94 16.52 -16.48
N2 G38 F 10 5.25 16.28 -17.60
N3 G38 F 10 5.48 17.40 -15.60
C4 G38 F 10 6.34 17.53 -14.55
N G38 F 10 2.59 18.03 -10.66
HN1 G38 F 10 1.85 18.32 -11.28
N1 C42 F 11 3.37 14.38 -14.79
C2 C42 F 11 4.15 13.60 -15.67
N3 C42 F 11 5.40 13.25 -15.30
C4 C42 F 11 5.89 13.64 -14.11
C5 C42 F 11 5.11 14.41 -13.19
C6 C42 F 11 3.87 14.76 -13.56
O2 C42 F 11 3.67 13.26 -16.76
N4 C42 F 11 7.13 13.30 -13.82
C1' C42 F 11 2.01 14.79 -15.21
C2' C42 F 11 0.92 13.76 -14.92
C3' C42 F 11 0.46 14.16 -13.53
C4' C42 F 11 0.49 15.69 -13.63
O4' C42 F 11 1.64 15.96 -14.47
C5' C42 F 11 0.63 16.40 -12.31
O5' C42 F 11 1.69 15.80 -11.55
P C42 F 11 2.27 16.49 -10.23
O1P C42 F 11 1.12 16.48 -9.28
O2P C42 F 11 3.52 15.84 -9.86
N C42 F 11 -0.85 13.69 -13.23
HN1 C42 F 11 -1.36 13.65 -14.10
N NH4 G . -9.29 5.94 -7.33
N NH4 H . -13.02 1.25 -2.55
CL CL I . -11.45 3.23 -4.57
N NH4 J . 14.03 13.67 0.41
N NH4 K . 10.55 9.29 4.87
CL CL L . 12.10 11.25 2.87
N NH4 M . -19.67 -7.14 5.99
N NH4 N . -16.19 -2.75 1.53
CL CL O . -17.75 -4.71 3.52
N NH4 P . 3.65 0.60 13.73
N NH4 Q . 7.37 5.28 8.96
CL CL R . 5.80 3.31 10.96
N NH4 S . -24.26 -12.92 11.88
N NH4 T . -27.84 -17.43 16.48
CL CL U . -26.23 -15.40 14.41
N NH4 V . -0.94 -5.19 19.62
N NH4 W . -4.37 -9.51 24.02
CL CL X . -2.78 -7.50 21.98
N NH4 Y . -34.55 -25.89 25.10
N NH4 Z . -31.20 -21.66 20.79
CL CL AA . -32.39 -23.16 22.31
N NH4 BA . -11.12 -18.01 32.68
N NH4 CA . -7.44 -13.38 27.97
CL CL DA . -8.99 -15.34 29.96
N NH4 EA . 5.47 24.55 -26.29
N NH4 FA . 1.80 19.92 -21.57
CL CL GA . 3.35 21.87 -23.56
N NH4 HA . 28.91 32.42 -18.69
N NH4 IA . 25.56 28.20 -14.40
CL CL JA . 26.74 29.70 -15.92
N NH4 KA . -4.70 11.73 -13.23
N NH4 LA . 18.61 19.45 -5.48
N NH4 MA . -1.28 16.05 -17.62
CL CL NA . -2.87 14.04 -15.58
N NH4 OA . 22.20 23.97 -10.09
CL CL PA . 20.58 21.93 -8.01
#